data_5XP7
#
_entry.id   5XP7
#
_cell.length_a   42.276
_cell.length_b   63.978
_cell.length_c   74.003
_cell.angle_alpha   101.03
_cell.angle_beta   89.83
_cell.angle_gamma   90.60
#
_symmetry.space_group_name_H-M   'P 1'
#
loop_
_entity.id
_entity.type
_entity.pdbx_description
1 polymer 'Proto-oncogene tyrosine-protein kinase Src'
2 non-polymer '[(R)-[[(2R,3S,4R,5R)-5-(6-aminopurin-9-yl)-3,4-bis(oxidanyl)oxolan-2-yl]methoxy-oxidanyl-phosphoryl]-chloranyl-methyl]phosphonic acid'
3 non-polymer 'MAGNESIUM ION'
4 non-polymer GLYCEROL
5 water water
#
_entity_poly.entity_id   1
_entity_poly.type   'polypeptide(L)'
_entity_poly.pdbx_seq_one_letter_code
;GHMQTQGLAKDAWEIPRESLRLEVKLGQGCFGEVWMGTWNGTTRVAIKTLKPGTMSPEAFLQEAQVMKKLRHEKLVQLYA
VVSEEPIYIVTEYMSKGSLLDFLKGEMGKYLRLPQLVDMAAQIASGMAYVERMNYVHRDLRAANILVGENLVCKVADFGL
ARLIEDNEYTARQGAKFPIKWTAPEAALYGRFTIKSDVWSFGILLTELTTKGRVPYPGMVNREVLDQVERGYRMPCPPEC
PESLHDLMCQCWRKDPEERPTFEYLQAFLEDYFTSTEPQYQPGENL
;
_entity_poly.pdbx_strand_id   A,B
#
loop_
_chem_comp.id
_chem_comp.type
_chem_comp.name
_chem_comp.formula
8C6 non-polymer '[(R)-[[(2R,3S,4R,5R)-5-(6-aminopurin-9-yl)-3,4-bis(oxidanyl)oxolan-2-yl]methoxy-oxidanyl-phosphoryl]-chloranyl-methyl]phosphonic acid' 'C11 H16 Cl N5 O9 P2'
GOL non-polymer GLYCEROL 'C3 H8 O3'
MG non-polymer 'MAGNESIUM ION' 'Mg 2'
#
# COMPACT_ATOMS: atom_id res chain seq x y z
N LYS A 10 -34.55 25.62 -14.92
CA LYS A 10 -33.91 24.50 -14.23
C LYS A 10 -32.96 23.74 -15.15
N ASP A 11 -32.03 22.98 -14.55
CA ASP A 11 -30.99 22.30 -15.33
C ASP A 11 -31.35 20.90 -15.83
N ALA A 12 -30.37 20.25 -16.45
CA ALA A 12 -30.57 18.96 -17.11
C ALA A 12 -30.68 17.79 -16.13
N TRP A 13 -30.57 18.07 -14.83
CA TRP A 13 -30.71 17.04 -13.81
C TRP A 13 -32.19 16.75 -13.51
N GLU A 14 -33.08 17.64 -13.92
CA GLU A 14 -34.51 17.50 -13.61
C GLU A 14 -35.17 16.36 -14.37
N ILE A 15 -36.04 15.61 -13.69
CA ILE A 15 -36.83 14.59 -14.37
C ILE A 15 -38.32 14.73 -14.06
N PRO A 16 -39.18 14.16 -14.93
CA PRO A 16 -40.62 14.18 -14.65
C PRO A 16 -40.96 13.26 -13.48
N ARG A 17 -41.96 13.63 -12.68
CA ARG A 17 -42.31 12.86 -11.50
C ARG A 17 -42.88 11.49 -11.84
N GLU A 18 -43.51 11.33 -13.00
CA GLU A 18 -44.10 10.04 -13.34
C GLU A 18 -43.06 9.01 -13.83
N SER A 19 -41.82 9.45 -14.09
CA SER A 19 -40.76 8.51 -14.50
C SER A 19 -40.13 7.83 -13.29
N LEU A 20 -40.56 8.21 -12.11
CA LEU A 20 -39.98 7.67 -10.88
C LEU A 20 -41.00 6.79 -10.17
N ARG A 21 -40.58 5.60 -9.78
CA ARG A 21 -41.45 4.70 -9.04
C ARG A 21 -40.79 4.22 -7.73
N LEU A 22 -41.42 4.53 -6.61
CA LEU A 22 -40.87 4.15 -5.33
C LEU A 22 -41.48 2.81 -4.94
N GLU A 23 -40.63 1.81 -4.74
CA GLU A 23 -41.09 0.44 -4.56
C GLU A 23 -40.97 -0.01 -3.12
N VAL A 24 -39.75 -0.15 -2.66
CA VAL A 24 -39.49 -0.60 -1.29
C VAL A 24 -38.82 0.50 -0.47
N LYS A 25 -39.33 0.74 0.73
CA LYS A 25 -38.74 1.76 1.60
C LYS A 25 -37.55 1.17 2.35
N LEU A 26 -36.45 1.93 2.37
CA LEU A 26 -35.17 1.42 2.85
C LEU A 26 -34.83 1.97 4.22
N GLY A 27 -35.27 3.20 4.49
CA GLY A 27 -34.93 3.83 5.74
C GLY A 27 -35.83 5.00 6.05
N GLN A 28 -35.65 5.53 7.26
CA GLN A 28 -36.50 6.58 7.76
C GLN A 28 -35.67 7.69 8.39
N GLY A 29 -36.37 8.75 8.78
CA GLY A 29 -35.79 9.85 9.52
C GLY A 29 -36.88 10.87 9.83
N CYS A 30 -36.49 11.95 10.49
CA CYS A 30 -37.43 13.00 10.84
C CYS A 30 -37.54 13.96 9.65
N PHE A 31 -36.60 13.84 8.72
CA PHE A 31 -36.48 14.82 7.63
C PHE A 31 -36.79 14.23 6.26
N GLY A 32 -36.94 12.92 6.19
CA GLY A 32 -37.24 12.29 4.94
C GLY A 32 -37.23 10.78 4.98
N GLU A 33 -37.43 10.17 3.82
CA GLU A 33 -37.37 8.73 3.64
C GLU A 33 -36.34 8.37 2.57
N VAL A 34 -35.93 7.11 2.55
CA VAL A 34 -35.10 6.60 1.49
C VAL A 34 -35.76 5.35 0.91
N TRP A 35 -35.95 5.33 -0.40
CA TRP A 35 -36.62 4.22 -1.07
C TRP A 35 -35.80 3.57 -2.15
N MET A 36 -35.94 2.26 -2.33
CA MET A 36 -35.47 1.60 -3.55
C MET A 36 -36.55 1.77 -4.61
N GLY A 37 -36.15 2.10 -5.83
CA GLY A 37 -37.15 2.33 -6.87
C GLY A 37 -36.66 2.09 -8.28
N THR A 38 -37.48 2.53 -9.21
CA THR A 38 -37.18 2.44 -10.63
C THR A 38 -37.32 3.80 -11.30
N TRP A 39 -36.36 4.11 -12.16
CA TRP A 39 -36.33 5.35 -12.94
C TRP A 39 -36.50 5.05 -14.43
N ASN A 40 -37.46 5.71 -15.09
CA ASN A 40 -37.78 5.46 -16.50
C ASN A 40 -38.17 4.00 -16.77
N GLY A 41 -38.69 3.32 -15.75
CA GLY A 41 -39.16 1.96 -15.88
C GLY A 41 -38.12 0.90 -16.16
N THR A 42 -36.84 1.30 -16.21
CA THR A 42 -35.76 0.39 -16.57
C THR A 42 -34.57 0.42 -15.60
N THR A 43 -34.36 1.55 -14.92
CA THR A 43 -33.16 1.72 -14.08
C THR A 43 -33.43 1.64 -12.58
N ARG A 44 -32.80 0.69 -11.90
CA ARG A 44 -32.93 0.58 -10.46
C ARG A 44 -32.15 1.67 -9.75
N VAL A 45 -32.83 2.36 -8.84
CA VAL A 45 -32.28 3.53 -8.21
C VAL A 45 -32.60 3.63 -6.74
N ALA A 46 -31.87 4.51 -6.06
CA ALA A 46 -32.17 4.91 -4.70
C ALA A 46 -32.82 6.28 -4.79
N ILE A 47 -33.88 6.46 -4.02
CA ILE A 47 -34.65 7.69 -4.04
C ILE A 47 -34.72 8.28 -2.62
N LYS A 48 -34.23 9.50 -2.47
CA LYS A 48 -34.30 10.19 -1.19
C LYS A 48 -35.38 11.28 -1.24
N THR A 49 -36.31 11.26 -0.28
CA THR A 49 -37.35 12.28 -0.21
C THR A 49 -37.13 13.27 0.92
N LEU A 50 -37.77 14.44 0.80
CA LEU A 50 -37.76 15.40 1.89
C LEU A 50 -39.19 15.62 2.34
N LYS A 51 -39.41 15.60 3.65
CA LYS A 51 -40.77 15.78 4.13
C LYS A 51 -41.02 17.27 4.23
N PRO A 52 -42.15 17.73 3.67
CA PRO A 52 -42.60 19.12 3.63
C PRO A 52 -42.46 19.85 4.97
N GLY A 53 -41.85 21.03 4.93
CA GLY A 53 -41.78 21.94 6.07
C GLY A 53 -41.22 21.38 7.36
N THR A 54 -40.31 20.41 7.26
CA THR A 54 -39.64 19.86 8.43
C THR A 54 -38.20 20.33 8.37
N MET A 55 -37.77 20.71 7.16
CA MET A 55 -36.47 21.32 6.94
C MET A 55 -36.53 22.17 5.68
N SER A 56 -35.66 23.17 5.61
CA SER A 56 -35.63 24.12 4.51
C SER A 56 -35.27 23.39 3.22
N PRO A 57 -36.03 23.63 2.15
CA PRO A 57 -35.79 23.00 0.85
C PRO A 57 -34.38 23.25 0.31
N GLU A 58 -33.80 24.40 0.61
CA GLU A 58 -32.48 24.71 0.11
C GLU A 58 -31.41 24.09 1.00
N ALA A 59 -31.78 23.80 2.24
CA ALA A 59 -30.88 23.06 3.11
C ALA A 59 -30.87 21.57 2.74
N PHE A 60 -31.99 21.08 2.22
CA PHE A 60 -32.06 19.68 1.78
C PHE A 60 -31.36 19.47 0.44
N LEU A 61 -31.42 20.48 -0.41
CA LEU A 61 -30.82 20.43 -1.74
C LEU A 61 -29.31 20.64 -1.72
N GLN A 62 -28.80 21.03 -0.56
CA GLN A 62 -27.36 21.29 -0.40
C GLN A 62 -26.49 20.11 -0.80
N GLU A 63 -26.90 18.90 -0.43
CA GLU A 63 -26.14 17.71 -0.77
C GLU A 63 -26.12 17.47 -2.28
N ALA A 64 -27.27 17.67 -2.91
CA ALA A 64 -27.39 17.47 -4.36
C ALA A 64 -26.47 18.39 -5.15
N GLN A 65 -26.32 19.63 -4.68
CA GLN A 65 -25.54 20.63 -5.39
C GLN A 65 -24.06 20.22 -5.43
N VAL A 66 -23.56 19.65 -4.34
CA VAL A 66 -22.19 19.16 -4.28
C VAL A 66 -22.01 17.96 -5.20
N MET A 67 -22.99 17.05 -5.18
CA MET A 67 -22.95 15.83 -5.97
C MET A 67 -23.00 16.12 -7.49
N LYS A 68 -23.48 17.30 -7.85
CA LYS A 68 -23.49 17.70 -9.25
C LYS A 68 -22.04 17.90 -9.71
N LYS A 69 -21.20 18.40 -8.81
CA LYS A 69 -19.81 18.71 -9.14
C LYS A 69 -18.81 17.55 -9.03
N LEU A 70 -19.17 16.50 -8.30
CA LEU A 70 -18.27 15.37 -8.08
C LEU A 70 -18.71 14.15 -8.89
N ARG A 71 -17.77 13.55 -9.61
CA ARG A 71 -18.03 12.32 -10.35
C ARG A 71 -16.81 11.41 -10.29
N HIS A 72 -16.99 10.25 -9.65
CA HIS A 72 -15.90 9.31 -9.48
C HIS A 72 -16.48 7.93 -9.20
N GLU A 73 -15.76 6.89 -9.61
CA GLU A 73 -16.28 5.54 -9.50
C GLU A 73 -16.48 5.12 -8.05
N LYS A 74 -15.79 5.77 -7.12
CA LYS A 74 -15.92 5.39 -5.71
C LYS A 74 -16.72 6.40 -4.87
N LEU A 75 -17.47 7.29 -5.53
CA LEU A 75 -18.46 8.13 -4.86
C LEU A 75 -19.85 7.79 -5.38
N VAL A 76 -20.84 7.71 -4.50
CA VAL A 76 -22.22 7.44 -4.95
C VAL A 76 -22.65 8.51 -5.94
N GLN A 77 -23.13 8.07 -7.10
CA GLN A 77 -23.41 8.97 -8.21
C GLN A 77 -24.86 9.50 -8.18
N LEU A 78 -25.00 10.82 -8.34
CA LEU A 78 -26.31 11.45 -8.53
C LEU A 78 -26.80 11.13 -9.92
N TYR A 79 -28.07 10.76 -10.05
CA TYR A 79 -28.70 10.48 -11.34
C TYR A 79 -29.67 11.57 -11.76
N ALA A 80 -30.53 11.99 -10.84
CA ALA A 80 -31.55 12.98 -11.17
C ALA A 80 -32.11 13.65 -9.94
N VAL A 81 -32.87 14.70 -10.19
CA VAL A 81 -33.45 15.49 -9.12
C VAL A 81 -34.85 16.03 -9.51
N VAL A 82 -35.76 16.01 -8.54
CA VAL A 82 -36.99 16.78 -8.68
C VAL A 82 -36.89 17.89 -7.65
N SER A 83 -36.60 19.12 -8.11
CA SER A 83 -36.17 20.17 -7.20
C SER A 83 -37.25 21.08 -6.58
N GLU A 84 -38.51 20.93 -6.97
CA GLU A 84 -39.57 21.70 -6.30
C GLU A 84 -40.34 20.76 -5.38
N GLU A 85 -40.88 21.27 -4.28
CA GLU A 85 -41.58 20.41 -3.33
C GLU A 85 -42.82 19.76 -3.93
N PRO A 86 -43.01 18.45 -3.68
CA PRO A 86 -42.10 17.59 -2.91
C PRO A 86 -40.84 17.18 -3.65
N ILE A 87 -39.72 17.38 -2.98
CA ILE A 87 -38.39 17.13 -3.54
C ILE A 87 -37.98 15.67 -3.48
N TYR A 88 -37.37 15.19 -4.57
CA TYR A 88 -36.81 13.84 -4.65
C TYR A 88 -35.37 13.91 -5.12
N ILE A 89 -34.50 13.08 -4.53
CA ILE A 89 -33.11 12.95 -4.98
C ILE A 89 -32.85 11.54 -5.44
N VAL A 90 -32.42 11.39 -6.68
CA VAL A 90 -32.21 10.09 -7.28
C VAL A 90 -30.73 9.77 -7.45
N THR A 91 -30.28 8.66 -6.86
CA THR A 91 -28.88 8.27 -6.94
C THR A 91 -28.73 6.82 -7.38
N GLU A 92 -27.50 6.38 -7.61
CA GLU A 92 -27.27 4.98 -7.96
C GLU A 92 -27.65 4.12 -6.76
N TYR A 93 -28.15 2.92 -7.02
CA TYR A 93 -28.59 2.03 -5.95
C TYR A 93 -27.46 1.12 -5.46
N MET A 94 -27.22 1.16 -4.15
CA MET A 94 -26.17 0.34 -3.54
C MET A 94 -26.82 -0.81 -2.76
N SER A 95 -26.80 -1.99 -3.37
CA SER A 95 -27.67 -3.09 -2.96
C SER A 95 -27.50 -3.59 -1.53
N LYS A 96 -26.34 -3.36 -0.92
CA LYS A 96 -26.06 -3.96 0.38
C LYS A 96 -26.15 -2.96 1.52
N GLY A 97 -26.54 -1.72 1.25
CA GLY A 97 -26.77 -0.78 2.33
C GLY A 97 -25.51 -0.17 2.96
N SER A 98 -25.63 0.36 4.18
CA SER A 98 -24.50 1.06 4.78
C SER A 98 -23.40 0.07 5.19
N LEU A 99 -22.15 0.51 5.10
CA LEU A 99 -21.03 -0.33 5.49
C LEU A 99 -21.17 -0.73 6.94
N LEU A 100 -21.60 0.21 7.79
CA LEU A 100 -21.80 -0.08 9.22
C LEU A 100 -22.75 -1.25 9.41
N ASP A 101 -23.94 -1.17 8.81
CA ASP A 101 -24.88 -2.30 8.91
C ASP A 101 -24.28 -3.59 8.34
N PHE A 102 -23.51 -3.46 7.27
CA PHE A 102 -22.93 -4.62 6.59
C PHE A 102 -21.95 -5.34 7.47
N LEU A 103 -21.09 -4.58 8.11
CA LEU A 103 -20.09 -5.12 9.00
C LEU A 103 -20.70 -5.78 10.23
N LYS A 104 -21.81 -5.22 10.72
CA LYS A 104 -22.46 -5.70 11.95
C LYS A 104 -23.34 -6.94 11.68
N GLY A 105 -23.84 -7.05 10.45
CA GLY A 105 -24.83 -8.08 10.10
C GLY A 105 -24.24 -9.44 9.76
N GLU A 106 -25.11 -10.34 9.27
CA GLU A 106 -24.76 -11.72 8.90
C GLU A 106 -23.51 -11.82 8.04
N MET A 107 -23.26 -10.84 7.18
CA MET A 107 -22.11 -10.92 6.27
C MET A 107 -20.78 -10.55 6.93
N GLY A 108 -20.86 -10.02 8.14
CA GLY A 108 -19.68 -9.57 8.84
C GLY A 108 -18.76 -10.71 9.20
N LYS A 109 -19.35 -11.84 9.56
CA LYS A 109 -18.55 -12.92 10.13
C LYS A 109 -17.69 -13.59 9.08
N TYR A 110 -17.87 -13.27 7.80
CA TYR A 110 -17.05 -13.95 6.81
C TYR A 110 -15.96 -13.05 6.26
N LEU A 111 -16.08 -11.75 6.51
CA LEU A 111 -15.07 -10.79 6.09
C LEU A 111 -13.75 -11.00 6.87
N ARG A 112 -12.65 -11.12 6.14
CA ARG A 112 -11.33 -11.22 6.77
C ARG A 112 -10.49 -10.02 6.35
N LEU A 113 -9.25 -9.93 6.85
CA LEU A 113 -8.44 -8.74 6.57
C LEU A 113 -8.27 -8.41 5.08
N PRO A 114 -8.07 -9.43 4.19
CA PRO A 114 -7.93 -9.04 2.77
C PRO A 114 -9.18 -8.34 2.21
N GLN A 115 -10.37 -8.74 2.62
CA GLN A 115 -11.58 -8.03 2.16
C GLN A 115 -11.67 -6.62 2.77
N LEU A 116 -11.41 -6.52 4.07
CA LEU A 116 -11.57 -5.27 4.81
C LEU A 116 -10.59 -4.19 4.30
N VAL A 117 -9.37 -4.61 4.00
CA VAL A 117 -8.33 -3.72 3.50
C VAL A 117 -8.64 -3.29 2.07
N ASP A 118 -9.17 -4.21 1.26
CA ASP A 118 -9.60 -3.81 -0.10
C ASP A 118 -10.75 -2.78 -0.06
N MET A 119 -11.66 -2.98 0.88
CA MET A 119 -12.72 -2.00 1.11
C MET A 119 -12.11 -0.67 1.57
N ALA A 120 -11.11 -0.73 2.44
CA ALA A 120 -10.46 0.52 2.86
C ALA A 120 -9.77 1.19 1.66
N ALA A 121 -9.16 0.39 0.79
CA ALA A 121 -8.46 0.94 -0.39
C ALA A 121 -9.45 1.67 -1.32
N GLN A 122 -10.65 1.11 -1.48
CA GLN A 122 -11.66 1.76 -2.31
C GLN A 122 -12.10 3.11 -1.73
N ILE A 123 -12.34 3.12 -0.42
CA ILE A 123 -12.75 4.33 0.25
C ILE A 123 -11.65 5.38 0.14
N ALA A 124 -10.38 4.95 0.27
CA ALA A 124 -9.25 5.86 0.13
C ALA A 124 -9.15 6.39 -1.29
N SER A 125 -9.52 5.56 -2.26
CA SER A 125 -9.50 6.03 -3.65
C SER A 125 -10.56 7.13 -3.85
N GLY A 126 -11.75 6.93 -3.31
CA GLY A 126 -12.83 7.94 -3.40
C GLY A 126 -12.38 9.22 -2.69
N MET A 127 -11.74 9.07 -1.53
CA MET A 127 -11.31 10.26 -0.80
C MET A 127 -10.09 10.92 -1.44
N ALA A 128 -9.29 10.15 -2.18
CA ALA A 128 -8.15 10.75 -2.87
C ALA A 128 -8.69 11.64 -3.99
N TYR A 129 -9.83 11.24 -4.55
CA TYR A 129 -10.47 12.10 -5.56
C TYR A 129 -10.98 13.37 -4.90
N VAL A 130 -11.61 13.24 -3.73
CA VAL A 130 -12.07 14.41 -2.96
C VAL A 130 -10.90 15.34 -2.63
N GLU A 131 -9.78 14.73 -2.23
CA GLU A 131 -8.53 15.44 -1.97
C GLU A 131 -8.05 16.20 -3.19
N ARG A 132 -8.00 15.50 -4.35
CA ARG A 132 -7.57 16.11 -5.61
C ARG A 132 -8.46 17.28 -6.00
N MET A 133 -9.73 17.23 -5.60
CA MET A 133 -10.68 18.26 -6.00
C MET A 133 -10.76 19.43 -5.01
N ASN A 134 -9.90 19.40 -3.98
CA ASN A 134 -9.88 20.43 -2.95
C ASN A 134 -11.21 20.54 -2.19
N TYR A 135 -11.84 19.40 -1.96
CA TYR A 135 -13.05 19.34 -1.13
C TYR A 135 -12.72 18.73 0.22
N VAL A 136 -13.63 18.92 1.17
CA VAL A 136 -13.57 18.25 2.47
C VAL A 136 -14.93 17.60 2.70
N HIS A 137 -14.95 16.41 3.29
CA HIS A 137 -16.20 15.70 3.48
C HIS A 137 -16.89 16.06 4.81
N ARG A 138 -16.08 16.01 5.88
CA ARG A 138 -16.43 16.37 7.26
C ARG A 138 -17.30 15.36 8.00
N ASP A 139 -17.68 14.24 7.37
CA ASP A 139 -18.50 13.27 8.09
C ASP A 139 -18.19 11.86 7.60
N LEU A 140 -16.90 11.58 7.37
CA LEU A 140 -16.46 10.26 6.94
C LEU A 140 -16.52 9.27 8.10
N ARG A 141 -17.23 8.16 7.91
CA ARG A 141 -17.40 7.14 8.93
C ARG A 141 -18.16 6.00 8.25
N ALA A 142 -18.17 4.82 8.85
CA ALA A 142 -18.74 3.64 8.22
C ALA A 142 -20.22 3.81 7.90
N ALA A 143 -20.92 4.61 8.71
CA ALA A 143 -22.35 4.82 8.45
C ALA A 143 -22.59 5.61 7.17
N ASN A 144 -21.57 6.31 6.70
CA ASN A 144 -21.72 7.12 5.50
C ASN A 144 -21.00 6.53 4.29
N ILE A 145 -20.69 5.24 4.38
CA ILE A 145 -20.18 4.47 3.24
C ILE A 145 -21.27 3.48 2.81
N LEU A 146 -21.49 3.35 1.50
CA LEU A 146 -22.47 2.41 0.96
C LEU A 146 -21.79 1.24 0.25
N VAL A 147 -22.42 0.07 0.31
CA VAL A 147 -21.85 -1.16 -0.21
C VAL A 147 -22.73 -1.74 -1.31
N GLY A 148 -22.12 -2.17 -2.40
CA GLY A 148 -22.83 -2.79 -3.52
C GLY A 148 -22.45 -4.23 -3.76
N GLU A 149 -22.69 -4.72 -4.97
CA GLU A 149 -22.34 -6.09 -5.30
C GLU A 149 -20.80 -6.23 -5.36
N ASN A 150 -20.29 -7.44 -5.17
CA ASN A 150 -18.85 -7.68 -5.31
C ASN A 150 -18.01 -6.86 -4.35
N LEU A 151 -18.58 -6.56 -3.18
CA LEU A 151 -17.92 -5.78 -2.13
C LEU A 151 -17.48 -4.39 -2.58
N VAL A 152 -18.19 -3.78 -3.51
CA VAL A 152 -17.88 -2.42 -3.92
C VAL A 152 -18.30 -1.42 -2.83
N CYS A 153 -17.39 -0.52 -2.48
CA CYS A 153 -17.65 0.48 -1.44
C CYS A 153 -17.55 1.88 -2.02
N LYS A 154 -18.50 2.74 -1.69
CA LYS A 154 -18.50 4.10 -2.20
C LYS A 154 -18.80 5.10 -1.10
N VAL A 155 -18.14 6.25 -1.17
CA VAL A 155 -18.36 7.32 -0.23
C VAL A 155 -19.73 7.99 -0.51
N ALA A 156 -20.49 8.29 0.55
CA ALA A 156 -21.80 8.92 0.40
C ALA A 156 -22.02 10.05 1.41
N ASP A 157 -23.21 10.61 1.41
CA ASP A 157 -23.63 11.65 2.34
C ASP A 157 -22.69 12.84 2.38
N PHE A 158 -22.74 13.60 1.31
CA PHE A 158 -21.94 14.81 1.17
C PHE A 158 -22.71 16.06 1.65
N GLY A 159 -23.68 15.85 2.53
CA GLY A 159 -24.52 16.92 3.03
C GLY A 159 -23.75 17.99 3.79
N LEU A 160 -22.56 17.64 4.25
CA LEU A 160 -21.71 18.59 4.97
C LEU A 160 -20.43 18.93 4.19
N ALA A 161 -20.26 18.33 3.02
CA ALA A 161 -19.05 18.51 2.21
C ALA A 161 -18.99 19.91 1.60
N ARG A 162 -17.78 20.48 1.54
CA ARG A 162 -17.60 21.85 1.05
C ARG A 162 -16.18 22.09 0.55
N LEU A 163 -16.01 23.18 -0.19
CA LEU A 163 -14.68 23.64 -0.57
C LEU A 163 -13.90 24.23 0.59
N ILE A 164 -12.59 24.25 0.45
CA ILE A 164 -11.71 24.94 1.40
C ILE A 164 -11.68 26.44 1.12
N PHE A 177 -21.27 17.64 15.48
CA PHE A 177 -20.33 16.67 14.90
C PHE A 177 -19.97 15.57 15.90
N PRO A 178 -20.01 14.30 15.45
CA PRO A 178 -19.71 13.15 16.30
C PRO A 178 -18.24 13.16 16.72
N ILE A 179 -17.98 13.48 17.97
CA ILE A 179 -16.62 13.67 18.46
C ILE A 179 -15.72 12.45 18.27
N LYS A 180 -16.28 11.24 18.25
CA LYS A 180 -15.45 10.03 18.23
C LYS A 180 -14.80 9.85 16.87
N TRP A 181 -15.39 10.47 15.85
CA TRP A 181 -14.85 10.38 14.50
C TRP A 181 -14.16 11.68 14.05
N THR A 182 -14.31 12.74 14.82
CA THR A 182 -13.83 14.05 14.39
C THR A 182 -12.47 14.36 14.98
N ALA A 183 -11.56 14.88 14.15
CA ALA A 183 -10.25 15.30 14.61
C ALA A 183 -10.38 16.39 15.67
N PRO A 184 -9.52 16.36 16.68
CA PRO A 184 -9.59 17.36 17.76
C PRO A 184 -9.57 18.81 17.23
N GLU A 185 -8.69 19.15 16.31
CA GLU A 185 -8.65 20.56 15.89
C GLU A 185 -9.96 20.98 15.19
N ALA A 186 -10.67 20.02 14.63
CA ALA A 186 -11.93 20.33 13.94
C ALA A 186 -13.06 20.45 14.94
N ALA A 187 -13.11 19.52 15.90
CA ALA A 187 -14.13 19.53 16.94
C ALA A 187 -14.00 20.74 17.88
N LEU A 188 -12.77 21.09 18.26
CA LEU A 188 -12.58 22.18 19.21
C LEU A 188 -12.63 23.54 18.53
N TYR A 189 -11.92 23.69 17.43
CA TYR A 189 -11.66 24.99 16.83
C TYR A 189 -12.29 25.18 15.44
N GLY A 190 -13.04 24.19 14.95
CA GLY A 190 -13.71 24.32 13.67
C GLY A 190 -12.75 24.26 12.49
N ARG A 191 -11.57 23.70 12.73
CA ARG A 191 -10.55 23.53 11.70
C ARG A 191 -10.77 22.24 10.88
N PHE A 192 -11.72 22.29 9.92
CA PHE A 192 -11.99 21.15 9.03
C PHE A 192 -11.20 21.25 7.73
N THR A 193 -10.32 20.28 7.49
CA THR A 193 -9.52 20.20 6.27
C THR A 193 -9.55 18.76 5.75
N ILE A 194 -8.88 18.52 4.63
CA ILE A 194 -8.76 17.15 4.14
C ILE A 194 -7.98 16.32 5.17
N LYS A 195 -7.14 16.96 5.98
CA LYS A 195 -6.41 16.24 7.04
C LYS A 195 -7.31 15.83 8.21
N SER A 196 -8.39 16.56 8.48
CA SER A 196 -9.32 16.08 9.50
C SER A 196 -10.13 14.90 8.93
N ASP A 197 -10.35 14.87 7.61
CA ASP A 197 -10.96 13.69 7.01
C ASP A 197 -9.98 12.49 7.13
N VAL A 198 -8.67 12.76 7.00
CA VAL A 198 -7.69 11.67 7.16
C VAL A 198 -7.79 11.10 8.57
N TRP A 199 -7.94 11.95 9.58
CA TRP A 199 -8.19 11.48 10.96
C TRP A 199 -9.41 10.53 11.04
N SER A 200 -10.53 10.98 10.48
CA SER A 200 -11.77 10.21 10.46
C SER A 200 -11.56 8.86 9.76
N PHE A 201 -10.75 8.86 8.69
CA PHE A 201 -10.44 7.60 7.99
C PHE A 201 -9.71 6.62 8.93
N GLY A 202 -8.85 7.13 9.79
CA GLY A 202 -8.19 6.26 10.77
C GLY A 202 -9.19 5.59 11.70
N ILE A 203 -10.20 6.36 12.12
CA ILE A 203 -11.26 5.81 12.96
C ILE A 203 -12.05 4.77 12.13
N LEU A 204 -12.26 5.05 10.85
CA LEU A 204 -13.00 4.14 9.97
C LEU A 204 -12.26 2.81 9.88
N LEU A 205 -10.93 2.88 9.86
CA LEU A 205 -10.14 1.65 9.84
C LEU A 205 -10.40 0.81 11.09
N THR A 206 -10.62 1.42 12.26
CA THR A 206 -10.91 0.60 13.45
C THR A 206 -12.32 -0.01 13.35
N GLU A 207 -13.27 0.72 12.76
CA GLU A 207 -14.60 0.16 12.51
C GLU A 207 -14.51 -1.07 11.60
N LEU A 208 -13.73 -0.96 10.53
CA LEU A 208 -13.54 -2.09 9.62
C LEU A 208 -12.94 -3.29 10.35
N THR A 209 -11.93 -3.06 11.18
CA THR A 209 -11.26 -4.18 11.79
C THR A 209 -11.92 -4.68 13.08
N THR A 210 -12.96 -4.00 13.57
CA THR A 210 -13.69 -4.54 14.71
C THR A 210 -15.10 -4.96 14.31
N LYS A 211 -15.34 -5.03 13.00
CA LYS A 211 -16.66 -5.40 12.46
C LYS A 211 -17.74 -4.44 12.94
N GLY A 212 -17.42 -3.15 12.96
CA GLY A 212 -18.44 -2.13 13.15
C GLY A 212 -18.70 -1.67 14.57
N ARG A 213 -17.85 -2.05 15.50
CA ARG A 213 -17.99 -1.61 16.88
C ARG A 213 -17.78 -0.09 16.99
N VAL A 214 -18.52 0.53 17.90
CA VAL A 214 -18.34 1.95 18.20
C VAL A 214 -16.94 2.18 18.72
N PRO A 215 -16.23 3.17 18.19
CA PRO A 215 -14.87 3.44 18.69
C PRO A 215 -14.84 3.87 20.17
N TYR A 216 -13.66 3.83 20.78
CA TYR A 216 -13.47 4.17 22.19
C TYR A 216 -14.50 3.50 23.11
N PRO A 217 -14.54 2.16 23.11
CA PRO A 217 -15.59 1.43 23.83
C PRO A 217 -15.64 1.80 25.31
N GLY A 218 -16.85 2.07 25.82
CA GLY A 218 -17.05 2.38 27.23
C GLY A 218 -16.76 3.81 27.63
N MET A 219 -16.35 4.63 26.66
CA MET A 219 -16.07 6.05 26.89
C MET A 219 -17.14 6.93 26.31
N VAL A 220 -17.64 7.85 27.12
CA VAL A 220 -18.60 8.82 26.63
C VAL A 220 -17.83 9.94 25.96
N ASN A 221 -18.56 10.82 25.29
CA ASN A 221 -17.94 11.87 24.48
C ASN A 221 -16.95 12.74 25.25
N ARG A 222 -17.31 13.15 26.45
CA ARG A 222 -16.45 14.05 27.25
C ARG A 222 -15.12 13.42 27.62
N GLU A 223 -15.11 12.13 27.93
CA GLU A 223 -13.85 11.48 28.25
C GLU A 223 -13.03 11.42 26.98
N VAL A 224 -13.69 11.12 25.86
CA VAL A 224 -13.01 11.00 24.57
C VAL A 224 -12.26 12.28 24.22
N LEU A 225 -12.95 13.40 24.33
CA LEU A 225 -12.33 14.69 24.08
C LEU A 225 -11.11 14.86 24.97
N ASP A 226 -11.35 14.72 26.27
CA ASP A 226 -10.32 14.84 27.31
C ASP A 226 -9.10 13.93 27.07
N GLN A 227 -9.36 12.65 26.83
CA GLN A 227 -8.32 11.66 26.61
C GLN A 227 -7.49 11.90 25.33
N VAL A 228 -8.16 12.14 24.21
CA VAL A 228 -7.45 12.33 22.95
C VAL A 228 -6.51 13.55 23.03
N GLU A 229 -6.95 14.61 23.68
CA GLU A 229 -6.07 15.78 23.85
C GLU A 229 -4.87 15.44 24.74
N ARG A 230 -5.08 14.55 25.72
CA ARG A 230 -4.01 14.10 26.61
C ARG A 230 -3.05 13.12 25.93
N GLY A 231 -3.36 12.69 24.70
CA GLY A 231 -2.48 11.82 23.93
C GLY A 231 -2.98 10.40 23.76
N TYR A 232 -4.13 10.08 24.32
CA TYR A 232 -4.68 8.72 24.22
C TYR A 232 -5.04 8.41 22.77
N ARG A 233 -4.71 7.20 22.33
CA ARG A 233 -5.14 6.69 21.03
C ARG A 233 -5.66 5.26 21.26
N MET A 234 -6.61 4.82 20.46
CA MET A 234 -7.10 3.43 20.55
C MET A 234 -5.97 2.44 20.30
N PRO A 235 -5.94 1.34 21.07
CA PRO A 235 -4.90 0.33 20.87
C PRO A 235 -5.16 -0.50 19.62
N CYS A 236 -4.20 -1.34 19.28
CA CYS A 236 -4.34 -2.27 18.16
C CYS A 236 -5.50 -3.25 18.43
N PRO A 237 -6.51 -3.27 17.55
CA PRO A 237 -7.60 -4.25 17.67
C PRO A 237 -7.08 -5.70 17.63
N PRO A 238 -7.77 -6.61 18.32
CA PRO A 238 -7.34 -8.01 18.33
C PRO A 238 -7.27 -8.62 16.93
N GLU A 239 -6.17 -9.30 16.63
CA GLU A 239 -5.88 -9.94 15.35
C GLU A 239 -5.59 -8.94 14.23
N CYS A 240 -5.52 -7.65 14.55
CA CYS A 240 -5.13 -6.67 13.54
C CYS A 240 -3.61 -6.54 13.51
N PRO A 241 -2.96 -6.64 12.34
CA PRO A 241 -1.49 -6.53 12.30
C PRO A 241 -1.02 -5.18 12.82
N GLU A 242 0.10 -5.16 13.51
CA GLU A 242 0.58 -3.92 14.07
C GLU A 242 0.83 -2.88 12.95
N SER A 243 1.25 -3.32 11.78
CA SER A 243 1.50 -2.40 10.68
C SER A 243 0.24 -1.64 10.26
N LEU A 244 -0.93 -2.28 10.36
CA LEU A 244 -2.16 -1.56 9.99
C LEU A 244 -2.55 -0.60 11.11
N HIS A 245 -2.32 -0.99 12.37
CA HIS A 245 -2.54 -0.09 13.50
C HIS A 245 -1.57 1.09 13.45
N ASP A 246 -0.35 0.86 12.94
CA ASP A 246 0.58 1.97 12.78
C ASP A 246 0.06 2.99 11.74
N LEU A 247 -0.63 2.50 10.71
CA LEU A 247 -1.26 3.39 9.74
C LEU A 247 -2.33 4.23 10.41
N MET A 248 -3.13 3.62 11.30
CA MET A 248 -4.14 4.37 12.06
C MET A 248 -3.50 5.50 12.86
N CYS A 249 -2.37 5.22 13.53
CA CYS A 249 -1.71 6.21 14.39
C CYS A 249 -1.15 7.39 13.60
N GLN A 250 -0.74 7.16 12.36
CA GLN A 250 -0.33 8.23 11.46
C GLN A 250 -1.52 9.15 11.13
N CYS A 251 -2.67 8.55 10.90
CA CYS A 251 -3.89 9.31 10.65
C CYS A 251 -4.27 10.11 11.89
N TRP A 252 -3.80 9.66 13.06
CA TRP A 252 -4.18 10.30 14.32
C TRP A 252 -3.09 11.17 14.91
N ARG A 253 -2.14 11.59 14.09
CA ARG A 253 -1.11 12.49 14.58
C ARG A 253 -1.75 13.79 15.00
N LYS A 254 -1.31 14.30 16.16
CA LYS A 254 -1.83 15.54 16.70
C LYS A 254 -1.63 16.67 15.68
N ASP A 255 -0.50 16.68 15.00
CA ASP A 255 -0.28 17.72 13.99
C ASP A 255 -0.88 17.32 12.64
N PRO A 256 -1.97 18.01 12.22
CA PRO A 256 -2.71 17.65 11.01
C PRO A 256 -1.83 17.56 9.77
N GLU A 257 -0.80 18.40 9.71
CA GLU A 257 0.06 18.45 8.54
C GLU A 257 0.97 17.22 8.43
N GLU A 258 1.10 16.47 9.52
CA GLU A 258 1.95 15.27 9.60
C GLU A 258 1.21 13.99 9.20
N ARG A 259 -0.11 14.10 9.07
CA ARG A 259 -0.90 12.94 8.66
C ARG A 259 -0.68 12.65 7.19
N PRO A 260 -0.78 11.38 6.80
CA PRO A 260 -0.58 11.06 5.39
C PRO A 260 -1.69 11.61 4.48
N THR A 261 -1.41 11.64 3.17
CA THR A 261 -2.44 12.00 2.19
C THR A 261 -3.32 10.80 1.88
N PHE A 262 -4.49 11.04 1.31
CA PHE A 262 -5.29 9.92 0.87
C PHE A 262 -4.60 9.23 -0.32
N GLU A 263 -3.85 9.99 -1.10
CA GLU A 263 -3.07 9.38 -2.18
C GLU A 263 -2.10 8.33 -1.63
N TYR A 264 -1.39 8.69 -0.56
CA TYR A 264 -0.50 7.73 0.12
C TYR A 264 -1.29 6.54 0.69
N LEU A 265 -2.42 6.83 1.34
CA LEU A 265 -3.23 5.80 1.99
C LEU A 265 -3.73 4.80 0.95
N GLN A 266 -4.19 5.32 -0.18
CA GLN A 266 -4.71 4.44 -1.23
C GLN A 266 -3.61 3.47 -1.72
N ALA A 267 -2.41 3.98 -1.97
CA ALA A 267 -1.33 3.16 -2.49
C ALA A 267 -0.88 2.10 -1.47
N PHE A 268 -0.79 2.54 -0.21
CA PHE A 268 -0.40 1.66 0.88
C PHE A 268 -1.37 0.52 1.02
N LEU A 269 -2.67 0.82 0.99
CA LEU A 269 -3.68 -0.21 1.21
C LEU A 269 -3.81 -1.15 0.00
N GLU A 270 -3.67 -0.60 -1.22
CA GLU A 270 -3.71 -1.43 -2.44
C GLU A 270 -2.58 -2.47 -2.47
N ASP A 271 -1.41 -2.05 -2.02
CA ASP A 271 -0.22 -2.90 -2.08
C ASP A 271 0.01 -3.72 -0.79
N TYR A 272 -0.89 -3.59 0.16
CA TYR A 272 -0.64 -4.04 1.55
C TYR A 272 -0.12 -5.47 1.70
N PHE A 273 -0.75 -6.41 1.01
CA PHE A 273 -0.40 -7.80 1.24
C PHE A 273 0.84 -8.27 0.48
N THR A 274 1.45 -7.41 -0.31
CA THR A 274 2.73 -7.76 -0.94
C THR A 274 3.85 -6.96 -0.28
N SER A 275 3.65 -5.66 -0.15
CA SER A 275 4.71 -4.79 0.35
C SER A 275 4.84 -4.68 1.89
N THR A 276 3.74 -4.86 2.62
CA THR A 276 3.74 -4.59 4.05
C THR A 276 3.51 -5.83 4.91
N GLU A 277 2.53 -6.66 4.55
CA GLU A 277 2.34 -7.95 5.25
C GLU A 277 2.40 -9.15 4.29
N PRO A 278 3.60 -9.43 3.72
CA PRO A 278 3.65 -10.58 2.81
C PRO A 278 3.51 -11.90 3.57
N GLN A 279 3.60 -11.92 4.90
CA GLN A 279 3.45 -13.20 5.60
C GLN A 279 2.12 -13.31 6.33
N TYR A 280 1.15 -12.49 5.94
CA TYR A 280 -0.17 -12.55 6.56
C TYR A 280 -0.73 -13.98 6.48
N GLN A 281 -1.31 -14.46 7.58
CA GLN A 281 -2.10 -15.69 7.52
C GLN A 281 -3.46 -15.48 8.18
N PRO A 282 -4.51 -16.08 7.59
CA PRO A 282 -5.88 -15.89 8.12
C PRO A 282 -6.04 -16.38 9.54
N GLY A 283 -6.82 -15.65 10.33
CA GLY A 283 -7.14 -16.04 11.70
C GLY A 283 -8.63 -16.32 11.86
N GLU A 284 -9.11 -16.31 13.10
CA GLU A 284 -10.50 -16.61 13.38
C GLU A 284 -11.45 -15.48 12.99
N ASN A 285 -11.01 -14.24 13.18
CA ASN A 285 -11.85 -13.10 12.87
C ASN A 285 -11.28 -12.17 11.80
N LEU A 286 -9.95 -12.05 11.74
CA LEU A 286 -9.28 -11.22 10.72
C LEU A 286 -8.25 -12.02 9.92
N ALA B 9 33.97 -29.29 12.97
CA ALA B 9 35.11 -28.48 12.52
C ALA B 9 34.65 -27.15 11.91
N LYS B 10 34.93 -26.05 12.60
CA LYS B 10 34.45 -24.72 12.22
C LYS B 10 35.47 -23.99 11.34
N ASP B 11 35.04 -23.03 10.52
CA ASP B 11 36.05 -22.24 9.80
C ASP B 11 36.30 -20.97 10.60
N ALA B 12 37.12 -20.09 10.03
CA ALA B 12 37.57 -18.89 10.73
C ALA B 12 36.48 -17.82 10.80
N TRP B 13 35.33 -18.07 10.20
CA TRP B 13 34.19 -17.15 10.29
C TRP B 13 33.38 -17.34 11.58
N GLU B 14 33.57 -18.49 12.21
CA GLU B 14 32.80 -18.89 13.39
C GLU B 14 33.15 -18.07 14.62
N ILE B 15 32.12 -17.68 15.36
CA ILE B 15 32.31 -16.97 16.63
C ILE B 15 31.49 -17.66 17.73
N PRO B 16 31.83 -17.40 18.99
CA PRO B 16 30.93 -17.94 20.02
C PRO B 16 29.63 -17.14 20.12
N ARG B 17 28.52 -17.79 20.44
CA ARG B 17 27.22 -17.12 20.52
C ARG B 17 27.18 -16.12 21.67
N GLU B 18 28.05 -16.32 22.67
CA GLU B 18 28.07 -15.46 23.84
C GLU B 18 28.72 -14.11 23.52
N SER B 19 29.35 -14.02 22.35
CA SER B 19 29.95 -12.76 21.93
C SER B 19 28.88 -11.87 21.28
N LEU B 20 27.67 -12.42 21.13
CA LEU B 20 26.54 -11.72 20.49
C LEU B 20 25.41 -11.38 21.46
N ARG B 21 24.89 -10.16 21.35
CA ARG B 21 23.71 -9.76 22.10
C ARG B 21 22.67 -9.16 21.16
N LEU B 22 21.49 -9.76 21.10
CA LEU B 22 20.41 -9.31 20.22
C LEU B 22 19.49 -8.34 20.93
N GLU B 23 19.30 -7.17 20.34
CA GLU B 23 18.58 -6.10 21.03
C GLU B 23 17.20 -5.76 20.47
N VAL B 24 17.17 -5.11 19.33
CA VAL B 24 15.92 -4.64 18.75
C VAL B 24 15.64 -5.37 17.44
N LYS B 25 14.39 -5.77 17.24
CA LYS B 25 14.02 -6.48 16.02
C LYS B 25 13.86 -5.50 14.86
N LEU B 26 14.44 -5.85 13.71
CA LEU B 26 14.45 -4.95 12.57
C LEU B 26 13.52 -5.40 11.44
N GLY B 27 13.40 -6.71 11.23
CA GLY B 27 12.58 -7.22 10.13
C GLY B 27 12.28 -8.71 10.13
N GLN B 28 11.39 -9.11 9.22
CA GLN B 28 10.95 -10.50 9.08
C GLN B 28 10.81 -10.92 7.60
N GLY B 29 10.44 -12.18 7.36
CA GLY B 29 10.25 -12.73 6.02
C GLY B 29 9.64 -14.12 6.11
N CYS B 30 9.61 -14.86 5.00
CA CYS B 30 8.99 -16.19 5.03
C CYS B 30 9.90 -17.23 5.69
N PHE B 31 11.21 -16.95 5.79
CA PHE B 31 12.15 -17.95 6.27
C PHE B 31 12.95 -17.59 7.52
N GLY B 32 12.83 -16.37 8.03
CA GLY B 32 13.58 -15.99 9.22
C GLY B 32 13.39 -14.57 9.72
N GLU B 33 14.09 -14.24 10.80
CA GLU B 33 14.01 -12.91 11.40
C GLU B 33 15.35 -12.21 11.46
N VAL B 34 15.33 -10.89 11.54
CA VAL B 34 16.55 -10.09 11.65
C VAL B 34 16.52 -9.13 12.84
N TRP B 35 17.58 -9.19 13.63
CA TRP B 35 17.70 -8.39 14.84
C TRP B 35 18.92 -7.48 14.78
N MET B 36 18.81 -6.26 15.28
CA MET B 36 19.99 -5.44 15.49
C MET B 36 20.64 -5.77 16.83
N GLY B 37 21.97 -5.84 16.86
CA GLY B 37 22.70 -6.18 18.06
C GLY B 37 24.13 -5.64 18.16
N THR B 38 24.87 -6.12 19.14
CA THR B 38 26.26 -5.71 19.34
C THR B 38 27.18 -6.92 19.36
N TRP B 39 28.31 -6.78 18.67
CA TRP B 39 29.27 -7.85 18.57
C TRP B 39 30.52 -7.51 19.38
N ASN B 40 30.87 -8.40 20.30
CA ASN B 40 32.00 -8.17 21.22
C ASN B 40 31.80 -6.88 22.01
N GLY B 41 30.55 -6.50 22.21
CA GLY B 41 30.21 -5.33 23.00
C GLY B 41 30.63 -4.00 22.40
N THR B 42 31.21 -4.04 21.19
CA THR B 42 31.78 -2.84 20.58
C THR B 42 31.32 -2.58 19.14
N THR B 43 30.93 -3.64 18.43
CA THR B 43 30.62 -3.51 17.01
C THR B 43 29.11 -3.59 16.76
N ARG B 44 28.58 -2.56 16.10
CA ARG B 44 27.17 -2.53 15.67
C ARG B 44 26.93 -3.53 14.55
N VAL B 45 25.97 -4.44 14.70
CA VAL B 45 25.75 -5.48 13.69
C VAL B 45 24.26 -5.77 13.46
N ALA B 46 23.98 -6.43 12.35
CA ALA B 46 22.67 -7.04 12.13
C ALA B 46 22.81 -8.55 12.31
N ILE B 47 21.82 -9.15 13.00
CA ILE B 47 21.87 -10.57 13.26
C ILE B 47 20.64 -11.27 12.69
N LYS B 48 20.85 -12.20 11.76
CA LYS B 48 19.74 -12.92 11.15
C LYS B 48 19.58 -14.31 11.79
N THR B 49 18.39 -14.56 12.30
CA THR B 49 18.06 -15.84 12.93
C THR B 49 17.15 -16.61 11.98
N LEU B 50 16.94 -17.89 12.24
CA LEU B 50 16.01 -18.65 11.42
C LEU B 50 14.76 -18.97 12.25
N LYS B 51 13.60 -18.75 11.64
CA LYS B 51 12.32 -18.91 12.33
C LYS B 51 11.88 -20.38 12.31
N PRO B 52 11.36 -20.85 13.45
CA PRO B 52 11.01 -22.26 13.71
C PRO B 52 10.37 -22.98 12.52
N GLY B 53 10.96 -24.13 12.16
CA GLY B 53 10.36 -25.06 11.24
C GLY B 53 9.92 -24.56 9.86
N THR B 54 10.62 -23.59 9.29
CA THR B 54 10.22 -23.10 7.97
C THR B 54 11.15 -23.52 6.82
N MET B 55 12.40 -23.82 7.14
CA MET B 55 13.32 -24.41 6.17
C MET B 55 14.47 -25.05 6.92
N SER B 56 15.14 -26.00 6.27
CA SER B 56 16.19 -26.78 6.92
C SER B 56 17.33 -25.89 7.42
N PRO B 57 17.75 -26.09 8.67
CA PRO B 57 18.84 -25.32 9.30
C PRO B 57 20.14 -25.39 8.50
N GLU B 58 20.36 -26.51 7.82
CA GLU B 58 21.58 -26.63 7.02
C GLU B 58 21.32 -25.98 5.66
N ALA B 59 20.05 -25.88 5.30
CA ALA B 59 19.68 -25.11 4.11
C ALA B 59 19.82 -23.64 4.48
N PHE B 60 19.63 -23.33 5.75
CA PHE B 60 19.82 -21.99 6.26
C PHE B 60 21.33 -21.69 6.30
N LEU B 61 22.15 -22.72 6.44
CA LEU B 61 23.59 -22.52 6.47
C LEU B 61 24.18 -22.28 5.07
N GLN B 62 23.45 -22.70 4.04
CA GLN B 62 23.87 -22.49 2.64
C GLN B 62 23.97 -21.00 2.35
N GLU B 63 23.09 -20.21 2.96
CA GLU B 63 23.08 -18.77 2.77
C GLU B 63 24.35 -18.13 3.34
N ALA B 64 24.81 -18.61 4.49
CA ALA B 64 26.06 -18.10 5.04
C ALA B 64 27.23 -18.43 4.13
N GLN B 65 27.22 -19.65 3.61
CA GLN B 65 28.29 -20.17 2.80
C GLN B 65 28.39 -19.41 1.47
N VAL B 66 27.26 -18.98 0.93
CA VAL B 66 27.30 -18.12 -0.25
C VAL B 66 27.97 -16.77 0.11
N MET B 67 27.57 -16.19 1.26
CA MET B 67 28.07 -14.90 1.70
C MET B 67 29.55 -14.92 2.05
N LYS B 68 30.09 -16.10 2.39
CA LYS B 68 31.51 -16.20 2.67
C LYS B 68 32.32 -15.99 1.39
N LYS B 69 31.80 -16.49 0.27
CA LYS B 69 32.51 -16.45 -0.99
C LYS B 69 32.35 -15.12 -1.73
N LEU B 70 31.31 -14.35 -1.40
CA LEU B 70 31.06 -13.10 -2.11
C LEU B 70 31.53 -11.93 -1.24
N ARG B 71 32.35 -11.06 -1.82
CA ARG B 71 32.87 -9.89 -1.12
C ARG B 71 32.95 -8.75 -2.14
N HIS B 72 32.12 -7.73 -1.95
CA HIS B 72 32.06 -6.62 -2.88
C HIS B 72 31.43 -5.44 -2.14
N GLU B 73 31.81 -4.22 -2.49
CA GLU B 73 31.34 -3.05 -1.76
C GLU B 73 29.82 -2.86 -1.90
N LYS B 74 29.22 -3.43 -2.94
CA LYS B 74 27.76 -3.24 -3.11
C LYS B 74 26.95 -4.49 -2.75
N LEU B 75 27.56 -5.43 -2.02
CA LEU B 75 26.82 -6.52 -1.37
C LEU B 75 26.95 -6.38 0.13
N VAL B 76 25.86 -6.63 0.86
CA VAL B 76 25.90 -6.59 2.33
C VAL B 76 26.96 -7.60 2.82
N GLN B 77 27.84 -7.12 3.69
CA GLN B 77 29.00 -7.90 4.10
C GLN B 77 28.76 -8.80 5.30
N LEU B 78 29.14 -10.06 5.15
CA LEU B 78 29.10 -11.01 6.24
C LEU B 78 30.19 -10.68 7.24
N TYR B 79 29.88 -10.76 8.52
CA TYR B 79 30.89 -10.53 9.58
C TYR B 79 31.31 -11.83 10.26
N ALA B 80 30.31 -12.63 10.63
CA ALA B 80 30.55 -13.85 11.39
C ALA B 80 29.35 -14.81 11.30
N VAL B 81 29.54 -16.03 11.79
CA VAL B 81 28.49 -17.03 11.74
C VAL B 81 28.54 -17.86 13.01
N VAL B 82 27.36 -18.17 13.54
CA VAL B 82 27.21 -19.18 14.60
C VAL B 82 26.52 -20.40 13.99
N SER B 83 27.31 -21.46 13.77
CA SER B 83 26.90 -22.59 12.92
C SER B 83 26.16 -23.70 13.65
N GLU B 84 26.02 -23.57 14.95
CA GLU B 84 25.25 -24.53 15.74
C GLU B 84 23.89 -23.93 16.12
N GLU B 85 22.86 -24.78 16.16
CA GLU B 85 21.50 -24.36 16.44
C GLU B 85 21.33 -23.83 17.86
N PRO B 86 20.68 -22.65 18.02
CA PRO B 86 20.14 -21.80 16.95
C PRO B 86 21.20 -21.04 16.14
N ILE B 87 21.08 -21.14 14.82
CA ILE B 87 22.04 -20.59 13.88
C ILE B 87 21.86 -19.07 13.72
N TYR B 88 22.98 -18.35 13.73
CA TYR B 88 22.96 -16.90 13.55
C TYR B 88 23.87 -16.47 12.41
N ILE B 89 23.39 -15.51 11.63
CA ILE B 89 24.24 -14.91 10.60
C ILE B 89 24.42 -13.44 10.91
N VAL B 90 25.67 -13.05 11.12
CA VAL B 90 25.99 -11.70 11.55
C VAL B 90 26.54 -10.90 10.37
N THR B 91 25.90 -9.76 10.08
CA THR B 91 26.31 -8.93 8.95
C THR B 91 26.47 -7.45 9.33
N GLU B 92 26.97 -6.64 8.41
CA GLU B 92 27.08 -5.20 8.61
C GLU B 92 25.68 -4.60 8.75
N TYR B 93 25.58 -3.54 9.54
CA TYR B 93 24.30 -2.89 9.81
C TYR B 93 24.00 -1.84 8.75
N MET B 94 22.83 -1.93 8.12
CA MET B 94 22.46 -0.93 7.12
C MET B 94 21.42 0.03 7.69
N SER B 95 21.87 1.25 7.99
CA SER B 95 21.13 2.19 8.82
C SER B 95 19.77 2.65 8.27
N LYS B 96 19.56 2.58 6.96
CA LYS B 96 18.30 3.13 6.43
C LYS B 96 17.30 2.07 6.01
N GLY B 97 17.59 0.80 6.26
CA GLY B 97 16.63 -0.26 6.05
C GLY B 97 16.41 -0.69 4.60
N SER B 98 15.30 -1.37 4.32
CA SER B 98 15.11 -1.91 2.98
C SER B 98 14.79 -0.80 1.99
N LEU B 99 15.27 -0.95 0.75
CA LEU B 99 15.00 0.02 -0.31
C LEU B 99 13.51 0.17 -0.53
N LEU B 100 12.77 -0.94 -0.47
CA LEU B 100 11.29 -0.86 -0.62
C LEU B 100 10.68 0.05 0.42
N ASP B 101 11.01 -0.16 1.70
CA ASP B 101 10.42 0.72 2.74
C ASP B 101 10.83 2.18 2.53
N PHE B 102 12.07 2.38 2.08
CA PHE B 102 12.65 3.71 1.89
C PHE B 102 11.90 4.47 0.79
N LEU B 103 11.67 3.79 -0.33
CA LEU B 103 10.93 4.37 -1.45
C LEU B 103 9.49 4.69 -1.09
N LYS B 104 8.86 3.87 -0.23
CA LYS B 104 7.44 4.05 0.13
C LYS B 104 7.25 5.10 1.22
N GLY B 105 8.28 5.26 2.04
CA GLY B 105 8.18 6.11 3.21
C GLY B 105 8.40 7.59 2.95
N GLU B 106 8.49 8.32 4.05
CA GLU B 106 8.69 9.77 4.05
C GLU B 106 9.80 10.22 3.11
N MET B 107 10.87 9.45 3.02
CA MET B 107 12.02 9.96 2.28
C MET B 107 11.89 9.71 0.78
N GLY B 108 10.92 8.91 0.42
CA GLY B 108 10.75 8.55 -0.97
C GLY B 108 10.28 9.68 -1.84
N LYS B 109 9.37 10.51 -1.35
CA LYS B 109 8.74 11.47 -2.23
C LYS B 109 9.68 12.60 -2.65
N TYR B 110 10.87 12.66 -2.06
CA TYR B 110 11.80 13.71 -2.49
C TYR B 110 12.85 13.19 -3.46
N LEU B 111 12.95 11.87 -3.59
CA LEU B 111 13.84 11.26 -4.56
C LEU B 111 13.42 11.59 -5.99
N ARG B 112 14.36 12.05 -6.80
CA ARG B 112 14.10 12.29 -8.22
C ARG B 112 14.99 11.39 -9.05
N LEU B 113 14.87 11.49 -10.37
CA LEU B 113 15.54 10.54 -11.28
C LEU B 113 17.06 10.40 -11.10
N PRO B 114 17.80 11.51 -10.91
CA PRO B 114 19.24 11.32 -10.72
C PRO B 114 19.60 10.45 -9.51
N GLN B 115 18.88 10.58 -8.41
CA GLN B 115 19.17 9.75 -7.21
C GLN B 115 18.76 8.33 -7.47
N LEU B 116 17.60 8.17 -8.12
CA LEU B 116 17.09 6.83 -8.38
C LEU B 116 17.99 6.05 -9.38
N VAL B 117 18.49 6.74 -10.40
CA VAL B 117 19.32 6.07 -11.40
C VAL B 117 20.67 5.72 -10.72
N ASP B 118 21.14 6.59 -9.84
CA ASP B 118 22.40 6.29 -9.13
C ASP B 118 22.26 5.08 -8.21
N MET B 119 21.10 4.95 -7.57
CA MET B 119 20.82 3.76 -6.77
C MET B 119 20.79 2.51 -7.65
N ALA B 120 20.16 2.61 -8.82
CA ALA B 120 20.12 1.48 -9.73
C ALA B 120 21.55 1.10 -10.22
N ALA B 121 22.40 2.12 -10.45
CA ALA B 121 23.77 1.89 -10.92
C ALA B 121 24.59 1.11 -9.89
N GLN B 122 24.40 1.45 -8.61
CA GLN B 122 25.06 0.76 -7.52
C GLN B 122 24.63 -0.70 -7.46
N ILE B 123 23.33 -0.93 -7.57
CA ILE B 123 22.81 -2.28 -7.54
C ILE B 123 23.32 -3.06 -8.76
N ALA B 124 23.38 -2.40 -9.92
CA ALA B 124 23.91 -3.08 -11.11
C ALA B 124 25.37 -3.41 -10.92
N SER B 125 26.09 -2.57 -10.16
CA SER B 125 27.49 -2.84 -9.89
C SER B 125 27.68 -4.11 -9.03
N GLY B 126 26.85 -4.23 -8.02
CA GLY B 126 26.88 -5.43 -7.18
C GLY B 126 26.51 -6.66 -7.98
N MET B 127 25.51 -6.53 -8.85
CA MET B 127 25.10 -7.68 -9.66
C MET B 127 26.10 -7.99 -10.78
N ALA B 128 26.88 -7.00 -11.19
CA ALA B 128 27.91 -7.28 -12.20
C ALA B 128 28.98 -8.15 -11.56
N TYR B 129 29.23 -7.94 -10.28
CA TYR B 129 30.16 -8.77 -9.52
C TYR B 129 29.60 -10.19 -9.37
N VAL B 130 28.31 -10.30 -9.04
CA VAL B 130 27.64 -11.61 -8.96
C VAL B 130 27.75 -12.32 -10.30
N GLU B 131 27.55 -11.55 -11.37
CA GLU B 131 27.71 -12.02 -12.74
C GLU B 131 29.11 -12.56 -13.02
N ARG B 132 30.14 -11.77 -12.67
CA ARG B 132 31.56 -12.17 -12.86
C ARG B 132 31.90 -13.43 -12.11
N MET B 133 31.23 -13.65 -10.98
CA MET B 133 31.59 -14.77 -10.10
C MET B 133 30.82 -16.04 -10.43
N ASN B 134 30.04 -15.99 -11.50
CA ASN B 134 29.23 -17.11 -11.95
C ASN B 134 28.20 -17.58 -10.91
N TYR B 135 27.61 -16.62 -10.19
CA TYR B 135 26.51 -16.91 -9.26
C TYR B 135 25.19 -16.38 -9.85
N VAL B 136 24.08 -16.84 -9.26
CA VAL B 136 22.76 -16.28 -9.53
C VAL B 136 22.12 -15.96 -8.18
N HIS B 137 21.36 -14.87 -8.12
CA HIS B 137 20.75 -14.42 -6.85
C HIS B 137 19.37 -15.03 -6.64
N ARG B 138 18.53 -14.92 -7.68
CA ARG B 138 17.20 -15.53 -7.75
C ARG B 138 16.13 -14.84 -6.92
N ASP B 139 16.49 -13.76 -6.22
CA ASP B 139 15.48 -13.05 -5.42
C ASP B 139 15.77 -11.55 -5.39
N LEU B 140 16.23 -11.03 -6.54
CA LEU B 140 16.51 -9.61 -6.72
C LEU B 140 15.21 -8.80 -6.83
N ARG B 141 15.06 -7.83 -5.92
CA ARG B 141 13.89 -6.95 -5.82
C ARG B 141 14.20 -5.90 -4.74
N ALA B 142 13.41 -4.82 -4.71
CA ALA B 142 13.65 -3.69 -3.82
C ALA B 142 13.61 -4.09 -2.33
N ALA B 143 12.79 -5.08 -2.00
CA ALA B 143 12.70 -5.53 -0.63
C ALA B 143 13.98 -6.24 -0.17
N ASN B 144 14.81 -6.65 -1.12
CA ASN B 144 16.08 -7.33 -0.80
C ASN B 144 17.29 -6.46 -1.12
N ILE B 145 17.05 -5.16 -1.24
CA ILE B 145 18.14 -4.19 -1.31
C ILE B 145 18.16 -3.40 -0.02
N LEU B 146 19.35 -3.17 0.55
CA LEU B 146 19.47 -2.42 1.79
C LEU B 146 20.11 -1.07 1.53
N VAL B 147 19.73 -0.07 2.32
CA VAL B 147 20.19 1.30 2.14
C VAL B 147 20.93 1.73 3.38
N GLY B 148 22.10 2.34 3.19
CA GLY B 148 22.92 2.83 4.29
C GLY B 148 23.10 4.34 4.22
N GLU B 149 24.15 4.85 4.88
CA GLU B 149 24.41 6.27 4.86
C GLU B 149 24.84 6.72 3.45
N ASN B 150 24.57 7.99 3.12
CA ASN B 150 24.90 8.59 1.83
C ASN B 150 24.17 7.89 0.67
N LEU B 151 23.01 7.31 0.98
CA LEU B 151 22.18 6.56 0.02
C LEU B 151 22.92 5.42 -0.67
N VAL B 152 23.84 4.78 0.02
CA VAL B 152 24.50 3.62 -0.56
C VAL B 152 23.49 2.48 -0.55
N CYS B 153 23.46 1.74 -1.65
CA CYS B 153 22.54 0.62 -1.80
C CYS B 153 23.34 -0.65 -1.96
N LYS B 154 22.97 -1.71 -1.26
CA LYS B 154 23.72 -2.97 -1.34
C LYS B 154 22.76 -4.12 -1.53
N VAL B 155 23.18 -5.09 -2.32
CA VAL B 155 22.39 -6.27 -2.55
C VAL B 155 22.43 -7.13 -1.28
N ALA B 156 21.26 -7.65 -0.90
CA ALA B 156 21.09 -8.45 0.31
C ALA B 156 20.27 -9.72 0.06
N ASP B 157 20.01 -10.45 1.16
CA ASP B 157 19.21 -11.70 1.20
C ASP B 157 19.64 -12.72 0.17
N PHE B 158 20.76 -13.37 0.46
CA PHE B 158 21.32 -14.39 -0.41
C PHE B 158 20.79 -15.80 -0.13
N GLY B 159 19.61 -15.89 0.48
CA GLY B 159 19.01 -17.17 0.85
C GLY B 159 18.68 -18.14 -0.29
N LEU B 160 18.57 -17.64 -1.52
CA LEU B 160 18.28 -18.49 -2.68
C LEU B 160 19.47 -18.50 -3.67
N ALA B 161 20.52 -17.76 -3.33
CA ALA B 161 21.66 -17.57 -4.20
C ALA B 161 22.48 -18.87 -4.34
N ARG B 162 23.07 -19.10 -5.52
CA ARG B 162 23.86 -20.31 -5.73
C ARG B 162 24.82 -20.22 -6.92
N LEU B 163 25.81 -21.13 -6.96
CA LEU B 163 26.65 -21.25 -8.16
C LEU B 163 25.79 -21.77 -9.29
N ILE B 164 26.15 -21.42 -10.52
CA ILE B 164 25.47 -21.95 -11.69
C ILE B 164 26.07 -23.31 -12.05
N GLU B 165 25.50 -24.40 -11.55
CA GLU B 165 25.95 -25.73 -11.94
C GLU B 165 24.78 -26.68 -12.12
N PHE B 177 7.88 -19.47 -6.53
CA PHE B 177 8.55 -18.24 -6.98
C PHE B 177 7.54 -17.20 -7.46
N PRO B 178 7.64 -15.95 -6.95
CA PRO B 178 6.69 -14.88 -7.28
C PRO B 178 6.79 -14.44 -8.74
N ILE B 179 5.76 -14.77 -9.52
CA ILE B 179 5.80 -14.51 -10.96
C ILE B 179 6.06 -13.03 -11.31
N LYS B 180 5.71 -12.10 -10.41
CA LYS B 180 5.82 -10.69 -10.78
C LYS B 180 7.26 -10.22 -10.88
N TRP B 181 8.17 -10.87 -10.17
CA TRP B 181 9.58 -10.50 -10.24
C TRP B 181 10.50 -11.50 -10.97
N THR B 182 9.99 -12.70 -11.21
CA THR B 182 10.78 -13.80 -11.75
C THR B 182 10.58 -13.94 -13.24
N ALA B 183 11.69 -14.14 -13.95
CA ALA B 183 11.63 -14.35 -15.38
C ALA B 183 10.77 -15.58 -15.65
N PRO B 184 9.98 -15.55 -16.75
CA PRO B 184 9.06 -16.64 -17.11
C PRO B 184 9.71 -18.02 -17.16
N GLU B 185 10.85 -18.12 -17.83
CA GLU B 185 11.51 -19.41 -17.98
C GLU B 185 11.98 -19.97 -16.63
N ALA B 186 12.21 -19.10 -15.65
CA ALA B 186 12.66 -19.52 -14.32
C ALA B 186 11.45 -19.93 -13.49
N ALA B 187 10.39 -19.15 -13.56
CA ALA B 187 9.17 -19.48 -12.84
C ALA B 187 8.53 -20.76 -13.38
N LEU B 188 8.54 -20.94 -14.69
CA LEU B 188 7.88 -22.12 -15.29
C LEU B 188 8.73 -23.39 -15.26
N TYR B 189 9.98 -23.28 -15.71
CA TYR B 189 10.80 -24.47 -15.95
C TYR B 189 12.04 -24.59 -15.03
N GLY B 190 12.20 -23.65 -14.10
CA GLY B 190 13.32 -23.67 -13.18
C GLY B 190 14.64 -23.29 -13.80
N ARG B 191 14.59 -22.62 -14.95
CA ARG B 191 15.81 -22.20 -15.65
C ARG B 191 16.32 -20.85 -15.09
N PHE B 192 17.02 -20.91 -13.97
CA PHE B 192 17.62 -19.73 -13.31
C PHE B 192 19.05 -19.48 -13.83
N THR B 193 19.28 -18.31 -14.44
CA THR B 193 20.61 -17.92 -14.91
C THR B 193 20.84 -16.48 -14.50
N ILE B 194 22.02 -15.95 -14.80
CA ILE B 194 22.24 -14.53 -14.50
C ILE B 194 21.24 -13.69 -15.34
N LYS B 195 20.76 -14.24 -16.46
CA LYS B 195 19.80 -13.51 -17.28
C LYS B 195 18.42 -13.47 -16.66
N SER B 196 18.08 -14.45 -15.83
CA SER B 196 16.78 -14.28 -15.17
C SER B 196 16.93 -13.22 -14.09
N ASP B 197 18.13 -13.06 -13.52
CA ASP B 197 18.35 -11.94 -12.56
C ASP B 197 18.25 -10.60 -13.28
N VAL B 198 18.71 -10.53 -14.54
CA VAL B 198 18.60 -9.30 -15.33
C VAL B 198 17.12 -8.95 -15.54
N TRP B 199 16.26 -9.94 -15.83
CA TRP B 199 14.81 -9.71 -15.88
C TRP B 199 14.33 -9.04 -14.60
N SER B 200 14.69 -9.62 -13.45
CA SER B 200 14.28 -9.11 -12.15
C SER B 200 14.78 -7.66 -11.96
N PHE B 201 15.99 -7.38 -12.44
CA PHE B 201 16.54 -6.01 -12.36
C PHE B 201 15.64 -5.04 -13.16
N GLY B 202 15.10 -5.49 -14.30
CA GLY B 202 14.16 -4.65 -15.07
C GLY B 202 12.93 -4.33 -14.24
N ILE B 203 12.43 -5.31 -13.49
CA ILE B 203 11.30 -5.09 -12.59
C ILE B 203 11.68 -4.11 -11.45
N LEU B 204 12.89 -4.25 -10.94
CA LEU B 204 13.38 -3.39 -9.87
C LEU B 204 13.43 -1.94 -10.35
N LEU B 205 13.76 -1.73 -11.62
CA LEU B 205 13.77 -0.37 -12.20
C LEU B 205 12.38 0.26 -12.17
N THR B 206 11.34 -0.56 -12.34
CA THR B 206 9.96 0.00 -12.25
C THR B 206 9.63 0.30 -10.79
N GLU B 207 10.13 -0.51 -9.87
CA GLU B 207 9.95 -0.20 -8.43
C GLU B 207 10.61 1.15 -8.12
N LEU B 208 11.83 1.36 -8.61
CA LEU B 208 12.54 2.62 -8.34
C LEU B 208 11.78 3.83 -8.90
N THR B 209 11.27 3.71 -10.12
CA THR B 209 10.68 4.85 -10.75
C THR B 209 9.18 5.06 -10.38
N THR B 210 8.58 4.16 -9.61
CA THR B 210 7.20 4.37 -9.13
C THR B 210 7.15 4.56 -7.63
N LYS B 211 8.30 4.79 -7.01
CA LYS B 211 8.39 4.94 -5.56
C LYS B 211 7.85 3.70 -4.85
N GLY B 212 8.15 2.53 -5.40
CA GLY B 212 7.92 1.30 -4.68
C GLY B 212 6.60 0.57 -4.88
N ARG B 213 5.83 0.96 -5.90
CA ARG B 213 4.56 0.29 -6.17
C ARG B 213 4.80 -1.14 -6.61
N VAL B 214 3.88 -2.02 -6.24
CA VAL B 214 3.89 -3.41 -6.70
C VAL B 214 3.74 -3.43 -8.22
N PRO B 215 4.61 -4.15 -8.92
CA PRO B 215 4.48 -4.20 -10.39
C PRO B 215 3.17 -4.84 -10.90
N TYR B 216 2.87 -4.65 -12.18
CA TYR B 216 1.64 -5.18 -12.77
C TYR B 216 0.39 -4.85 -11.93
N PRO B 217 0.11 -3.55 -11.72
CA PRO B 217 -0.98 -3.14 -10.83
C PRO B 217 -2.34 -3.74 -11.22
N GLY B 218 -3.05 -4.28 -10.24
CA GLY B 218 -4.38 -4.84 -10.49
C GLY B 218 -4.39 -6.24 -11.09
N MET B 219 -3.21 -6.83 -11.29
CA MET B 219 -3.14 -8.16 -11.87
C MET B 219 -2.76 -9.22 -10.83
N VAL B 220 -3.51 -10.31 -10.78
CA VAL B 220 -3.12 -11.39 -9.91
C VAL B 220 -2.07 -12.24 -10.65
N ASN B 221 -1.42 -13.15 -9.92
CA ASN B 221 -0.31 -13.94 -10.48
C ASN B 221 -0.63 -14.72 -11.76
N ARG B 222 -1.78 -15.36 -11.81
CA ARG B 222 -2.14 -16.18 -12.98
C ARG B 222 -2.23 -15.30 -14.24
N GLU B 223 -2.81 -14.12 -14.07
CA GLU B 223 -2.98 -13.18 -15.15
C GLU B 223 -1.61 -12.64 -15.57
N VAL B 224 -0.73 -12.32 -14.61
CA VAL B 224 0.62 -11.85 -14.96
C VAL B 224 1.32 -12.91 -15.82
N LEU B 225 1.27 -14.16 -15.39
CA LEU B 225 1.85 -15.26 -16.15
C LEU B 225 1.32 -15.34 -17.59
N ASP B 226 0.00 -15.49 -17.74
CA ASP B 226 -0.64 -15.55 -19.06
C ASP B 226 -0.27 -14.35 -19.92
N GLN B 227 -0.39 -13.16 -19.35
CA GLN B 227 -0.10 -11.95 -20.11
C GLN B 227 1.38 -11.86 -20.56
N VAL B 228 2.31 -12.08 -19.63
CA VAL B 228 3.73 -11.94 -19.94
C VAL B 228 4.13 -12.95 -21.02
N GLU B 229 3.57 -14.14 -20.93
CA GLU B 229 3.85 -15.17 -21.92
C GLU B 229 3.36 -14.78 -23.32
N ARG B 230 2.25 -14.05 -23.35
CA ARG B 230 1.64 -13.55 -24.57
C ARG B 230 2.35 -12.30 -25.12
N GLY B 231 3.32 -11.77 -24.39
CA GLY B 231 4.10 -10.64 -24.86
C GLY B 231 3.87 -9.32 -24.14
N TYR B 232 2.95 -9.32 -23.17
CA TYR B 232 2.67 -8.11 -22.41
C TYR B 232 3.88 -7.70 -21.60
N ARG B 233 4.18 -6.41 -21.59
CA ARG B 233 5.21 -5.82 -20.74
C ARG B 233 4.61 -4.57 -20.10
N MET B 234 5.06 -4.21 -18.91
CA MET B 234 4.64 -2.97 -18.26
C MET B 234 5.00 -1.75 -19.11
N PRO B 235 4.09 -0.77 -19.19
CA PRO B 235 4.34 0.45 -19.97
C PRO B 235 5.31 1.40 -19.23
N CYS B 236 5.75 2.44 -19.93
CA CYS B 236 6.62 3.47 -19.37
C CYS B 236 5.91 4.19 -18.21
N PRO B 237 6.48 4.13 -16.99
CA PRO B 237 5.90 4.86 -15.86
C PRO B 237 5.85 6.37 -16.12
N PRO B 238 4.86 7.05 -15.54
CA PRO B 238 4.76 8.51 -15.76
C PRO B 238 6.03 9.23 -15.36
N GLU B 239 6.50 10.13 -16.24
CA GLU B 239 7.70 10.95 -16.07
C GLU B 239 9.01 10.16 -16.18
N CYS B 240 8.91 8.89 -16.48
CA CYS B 240 10.09 8.09 -16.69
C CYS B 240 10.51 8.27 -18.13
N PRO B 241 11.78 8.63 -18.40
CA PRO B 241 12.21 8.80 -19.79
C PRO B 241 12.06 7.52 -20.62
N GLU B 242 11.70 7.65 -21.89
CA GLU B 242 11.53 6.48 -22.73
C GLU B 242 12.82 5.65 -22.84
N SER B 243 13.97 6.32 -22.82
CA SER B 243 15.22 5.60 -22.91
C SER B 243 15.40 4.66 -21.72
N LEU B 244 14.89 5.04 -20.53
CA LEU B 244 15.00 4.15 -19.38
C LEU B 244 13.98 3.02 -19.47
N HIS B 245 12.79 3.30 -19.99
CA HIS B 245 11.81 2.23 -20.21
C HIS B 245 12.33 1.26 -21.29
N ASP B 246 13.05 1.78 -22.27
CA ASP B 246 13.62 0.93 -23.30
C ASP B 246 14.63 -0.05 -22.67
N LEU B 247 15.35 0.42 -21.65
CA LEU B 247 16.29 -0.44 -20.93
C LEU B 247 15.52 -1.55 -20.19
N MET B 248 14.39 -1.19 -19.58
CA MET B 248 13.56 -2.20 -18.92
C MET B 248 13.12 -3.27 -19.92
N CYS B 249 12.69 -2.83 -21.09
CA CYS B 249 12.20 -3.76 -22.13
C CYS B 249 13.31 -4.70 -22.66
N GLN B 250 14.54 -4.23 -22.70
CA GLN B 250 15.68 -5.10 -23.05
C GLN B 250 15.91 -6.16 -21.97
N CYS B 251 15.76 -5.77 -20.70
CA CYS B 251 15.84 -6.72 -19.60
C CYS B 251 14.73 -7.78 -19.66
N TRP B 252 13.61 -7.44 -20.32
CA TRP B 252 12.43 -8.31 -20.37
C TRP B 252 12.25 -9.04 -21.70
N ARG B 253 13.33 -9.16 -22.46
CA ARG B 253 13.25 -9.90 -23.72
C ARG B 253 12.92 -11.36 -23.44
N LYS B 254 12.05 -11.93 -24.29
CA LYS B 254 11.59 -13.29 -24.12
C LYS B 254 12.75 -14.27 -24.12
N ASP B 255 13.69 -14.07 -25.02
CA ASP B 255 14.90 -14.89 -25.13
C ASP B 255 15.93 -14.41 -24.12
N PRO B 256 16.21 -15.22 -23.09
CA PRO B 256 17.11 -14.79 -22.01
C PRO B 256 18.46 -14.29 -22.55
N GLU B 257 18.96 -14.88 -23.64
CA GLU B 257 20.25 -14.47 -24.19
C GLU B 257 20.22 -13.11 -24.92
N GLU B 258 19.04 -12.55 -25.21
CA GLU B 258 18.94 -11.23 -25.81
C GLU B 258 18.96 -10.12 -24.76
N ARG B 259 18.87 -10.48 -23.50
CA ARG B 259 18.90 -9.48 -22.41
C ARG B 259 20.32 -8.98 -22.17
N PRO B 260 20.46 -7.70 -21.79
CA PRO B 260 21.81 -7.17 -21.59
C PRO B 260 22.53 -7.80 -20.39
N THR B 261 23.84 -7.62 -20.34
CA THR B 261 24.62 -8.06 -19.17
C THR B 261 24.53 -7.00 -18.08
N PHE B 262 24.84 -7.38 -16.83
CA PHE B 262 24.92 -6.38 -15.76
C PHE B 262 26.09 -5.42 -15.97
N GLU B 263 27.15 -5.91 -16.64
CA GLU B 263 28.28 -5.04 -16.99
C GLU B 263 27.81 -3.89 -17.86
N TYR B 264 27.00 -4.20 -18.89
CA TYR B 264 26.40 -3.15 -19.72
C TYR B 264 25.46 -2.25 -18.91
N LEU B 265 24.62 -2.85 -18.08
CA LEU B 265 23.65 -2.10 -17.30
C LEU B 265 24.37 -1.12 -16.36
N GLN B 266 25.47 -1.55 -15.75
CA GLN B 266 26.20 -0.68 -14.85
C GLN B 266 26.76 0.54 -15.58
N ALA B 267 27.38 0.33 -16.75
CA ALA B 267 27.99 1.41 -17.51
C ALA B 267 26.92 2.39 -18.03
N PHE B 268 25.80 1.82 -18.51
CA PHE B 268 24.67 2.61 -19.03
C PHE B 268 24.11 3.56 -17.96
N LEU B 269 23.92 3.02 -16.77
CA LEU B 269 23.34 3.76 -15.65
C LEU B 269 24.28 4.77 -15.09
N GLU B 270 25.56 4.41 -15.02
CA GLU B 270 26.57 5.35 -14.53
C GLU B 270 26.69 6.54 -15.46
N ASP B 271 26.64 6.29 -16.77
CA ASP B 271 26.85 7.35 -17.76
C ASP B 271 25.56 8.05 -18.19
N TYR B 272 24.44 7.66 -17.58
CA TYR B 272 23.10 7.98 -18.11
C TYR B 272 22.85 9.46 -18.44
N PHE B 273 23.18 10.36 -17.52
CA PHE B 273 22.80 11.77 -17.73
C PHE B 273 23.79 12.51 -18.63
N THR B 274 24.83 11.85 -19.12
CA THR B 274 25.69 12.47 -20.12
C THR B 274 25.49 11.84 -21.49
N SER B 275 25.53 10.52 -21.53
CA SER B 275 25.46 9.78 -22.79
C SER B 275 24.05 9.54 -23.33
N THR B 276 23.06 9.43 -22.46
CA THR B 276 21.74 9.01 -22.92
C THR B 276 20.65 10.09 -22.77
N GLU B 277 20.62 10.76 -21.62
CA GLU B 277 19.67 11.87 -21.41
C GLU B 277 20.35 13.16 -20.99
N PRO B 278 21.19 13.74 -21.87
CA PRO B 278 21.90 14.95 -21.48
C PRO B 278 20.97 16.18 -21.33
N GLN B 279 19.73 16.07 -21.79
CA GLN B 279 18.79 17.18 -21.69
C GLN B 279 17.69 16.91 -20.67
N TYR B 280 17.92 15.98 -19.74
CA TYR B 280 16.94 15.69 -18.69
C TYR B 280 16.59 16.96 -17.93
N GLN B 281 15.31 17.15 -17.64
CA GLN B 281 14.93 18.20 -16.67
C GLN B 281 13.95 17.65 -15.64
N PRO B 282 14.09 18.07 -14.38
CA PRO B 282 13.28 17.56 -13.28
C PRO B 282 11.80 17.85 -13.49
N GLY B 283 10.93 16.92 -13.09
CA GLY B 283 9.49 17.11 -13.13
C GLY B 283 8.96 17.11 -11.70
N GLU B 284 7.66 16.89 -11.53
CA GLU B 284 7.08 16.94 -10.20
C GLU B 284 7.41 15.69 -9.36
N ASN B 285 7.56 14.54 -10.00
CA ASN B 285 7.84 13.28 -9.31
C ASN B 285 9.18 12.61 -9.65
N LEU B 286 9.63 12.75 -10.90
CA LEU B 286 10.93 12.20 -11.33
C LEU B 286 11.85 13.28 -11.95
PB 8C6 C . -28.91 10.30 6.53
O1B 8C6 C . -27.60 9.85 7.03
O2B 8C6 C . -29.46 11.11 7.65
O3B 8C6 C . -28.60 11.28 5.47
PA 8C6 C . -29.14 7.90 4.77
O1A 8C6 C . -27.81 7.49 5.28
O2A 8C6 C . -28.76 8.68 3.58
O5' 8C6 C . -30.03 6.60 4.37
C5' 8C6 C . -30.48 5.66 5.37
C4' 8C6 C . -30.45 4.27 4.81
O4' 8C6 C . -31.00 4.24 3.41
C3' 8C6 C . -29.07 3.75 4.76
O3' 8C6 C . -28.77 2.97 5.95
C2' 8C6 C . -28.99 2.92 3.57
C1' 8C6 C . -30.05 3.35 2.65
N9 8C6 C . -29.50 4.03 1.56
C8 8C6 C . -29.19 5.26 1.66
N7 8C6 C . -28.69 5.66 0.44
C5 8C6 C . -28.74 4.41 -0.44
C6 8C6 C . -28.40 4.07 -1.73
N6 8C6 C . -27.82 5.06 -2.63
N1 8C6 C . -28.61 2.82 -2.16
C2 8C6 C . -29.13 1.89 -1.33
N3 8C6 C . -29.48 2.15 -0.05
C4 8C6 C . -29.31 3.38 0.46
O 8C6 C . -29.21 1.51 3.93
C3A 8C6 C . -30.01 8.95 5.98
CL2 8C6 C . -31.42 9.62 5.23
MG MG D . -26.13 7.66 6.54
PB 8C6 E . 13.75 -13.33 4.49
O1B 8C6 E . 14.98 -13.97 3.94
O2B 8C6 E . 12.95 -12.91 3.31
O3B 8C6 E . 12.99 -14.45 5.06
PA 8C6 E . 15.24 -10.73 4.96
O1A 8C6 E . 16.58 -11.32 4.74
O2A 8C6 E . 14.85 -10.29 3.61
O5' 8C6 E . 15.29 -9.48 5.98
C5' 8C6 E . 14.04 -8.87 6.39
C4' 8C6 E . 14.24 -7.45 6.82
O4' 8C6 E . 15.26 -7.33 7.91
C3' 8C6 E . 14.73 -6.61 5.72
O3' 8C6 E . 13.62 -6.14 4.90
C2' 8C6 E . 15.38 -5.49 6.39
C1' 8C6 E . 15.98 -6.03 7.61
N9 8C6 E . 17.38 -6.25 7.48
C8 8C6 E . 17.77 -7.39 7.01
N7 8C6 E . 19.14 -7.39 6.97
C5 8C6 E . 19.54 -6.03 7.53
C6 8C6 E . 20.74 -5.37 7.77
N6 8C6 E . 22.01 -6.03 7.48
N1 8C6 E . 20.71 -4.13 8.29
C2 8C6 E . 19.52 -3.52 8.55
N3 8C6 E . 18.30 -4.11 8.34
C4 8C6 E . 18.25 -5.37 7.83
O 8C6 E . 14.34 -4.54 6.76
C3A 8C6 E . 14.07 -11.95 5.66
CL2 8C6 E . 14.75 -12.55 7.15
MG MG F . 13.86 -11.41 1.78
C1 GOL G . -1.61 -3.43 -6.39
O1 GOL G . -2.03 -2.70 -7.52
C2 GOL G . -1.94 -4.91 -6.49
O2 GOL G . -1.96 -5.32 -7.84
C3 GOL G . -0.88 -5.69 -5.73
O3 GOL G . -1.31 -7.00 -5.53
#